data_9HTU
#
_entry.id   9HTU
#
_cell.length_a   37.306
_cell.length_b   65.864
_cell.length_c   96.512
_cell.angle_alpha   90.00
_cell.angle_beta   90.00
_cell.angle_gamma   90.00
#
_symmetry.space_group_name_H-M   'P 21 21 21'
#
loop_
_entity.id
_entity.type
_entity.pdbx_description
1 polymer 'N-acetylmuramoyl-L-alanine amidase'
2 non-polymer 'ZINC ION'
3 non-polymer 'SULFATE ION'
4 water water
#
_entity_poly.entity_id   1
_entity_poly.type   'polypeptide(L)'
_entity_poly.pdbx_seq_one_letter_code
;VKYTVENKIIAGLPKGKLKGANFVIAHETANSKSTIDNEVSYMTRNWKNAFVTHFVGGGGRVVQVANVNYVSWGAGQYAN
SYSYAQVELCRTSNATTFKKDYEVYCQLLVDLAKKAGIPITLDSGSKTSDKGIKSHKWVADKLGGTTHQDPYAYLSSWGI
SKAQFASDLAKVSGHHHHHH
;
_entity_poly.pdbx_strand_id   A
#
# COMPACT_ATOMS: atom_id res chain seq x y z
N VAL A 1 -0.95 16.68 2.24
CA VAL A 1 -2.13 16.40 1.38
C VAL A 1 -3.25 15.83 2.26
N LYS A 2 -4.50 16.23 2.00
CA LYS A 2 -5.72 15.83 2.75
C LYS A 2 -6.42 14.67 2.01
N TYR A 3 -6.99 13.73 2.76
CA TYR A 3 -7.87 12.67 2.15
C TYR A 3 -8.96 12.23 3.12
N THR A 4 -9.98 11.59 2.57
CA THR A 4 -11.06 11.02 3.37
C THR A 4 -11.03 9.50 3.27
N VAL A 5 -11.02 8.82 4.40
CA VAL A 5 -11.07 7.32 4.37
C VAL A 5 -12.52 6.90 4.35
N GLU A 6 -12.95 6.29 3.26
CA GLU A 6 -14.29 5.69 3.14
C GLU A 6 -14.27 4.33 3.81
N ASN A 7 -15.15 4.13 4.79
CA ASN A 7 -15.17 2.84 5.53
C ASN A 7 -16.02 1.82 4.76
N LYS A 8 -15.39 0.89 4.04
CA LYS A 8 -16.05 -0.27 3.41
C LYS A 8 -15.37 -1.53 3.90
N ILE A 9 -15.11 -1.57 5.19
CA ILE A 9 -14.44 -2.74 5.80
C ILE A 9 -15.31 -3.96 5.54
N ILE A 10 -14.69 -5.01 5.02
CA ILE A 10 -15.34 -6.25 4.58
C ILE A 10 -15.77 -7.05 5.80
N ALA A 11 -17.05 -7.43 5.82
CA ALA A 11 -17.59 -8.14 6.98
C ALA A 11 -17.04 -9.57 6.90
N GLY A 12 -16.71 -10.15 8.03
CA GLY A 12 -16.40 -11.59 8.10
C GLY A 12 -14.91 -11.91 7.97
N LEU A 13 -14.07 -10.90 7.75
CA LEU A 13 -12.60 -11.11 7.67
C LEU A 13 -12.15 -11.72 8.99
N PRO A 14 -11.11 -12.57 8.93
CA PRO A 14 -10.36 -12.94 10.12
C PRO A 14 -9.58 -11.73 10.61
N LYS A 15 -9.28 -11.72 11.91
CA LYS A 15 -8.43 -10.71 12.54
C LYS A 15 -7.24 -11.43 13.17
N GLY A 16 -6.32 -11.87 12.33
CA GLY A 16 -5.08 -12.60 12.71
C GLY A 16 -4.05 -11.67 13.30
N LYS A 17 -3.49 -12.02 14.45
CA LYS A 17 -2.37 -11.24 15.04
C LYS A 17 -1.14 -11.31 14.11
N LEU A 18 -0.45 -10.18 13.99
CA LEU A 18 0.80 -10.07 13.22
C LEU A 18 1.97 -10.61 14.05
N LYS A 19 2.97 -11.20 13.40
CA LYS A 19 4.24 -11.53 14.09
C LYS A 19 4.94 -10.24 14.49
N GLY A 20 4.74 -9.20 13.69
CA GLY A 20 5.16 -7.86 14.06
C GLY A 20 4.56 -6.86 13.10
N ALA A 21 4.37 -5.64 13.58
CA ALA A 21 3.90 -4.51 12.77
C ALA A 21 5.13 -3.85 12.14
N ASN A 22 5.66 -4.52 11.13
CA ASN A 22 7.01 -4.18 10.60
C ASN A 22 6.97 -3.50 9.23
N PHE A 23 5.99 -3.82 8.41
CA PHE A 23 5.90 -3.31 7.02
C PHE A 23 4.58 -2.58 6.78
N VAL A 24 4.62 -1.68 5.81
CA VAL A 24 3.41 -1.26 5.08
C VAL A 24 3.66 -1.59 3.61
N ILE A 25 2.80 -2.37 2.99
CA ILE A 25 3.06 -2.84 1.59
C ILE A 25 2.40 -1.87 0.60
N ALA A 26 3.20 -1.48 -0.39
CA ALA A 26 2.82 -0.67 -1.56
C ALA A 26 2.50 -1.58 -2.76
N HIS A 27 1.21 -1.63 -3.12
CA HIS A 27 0.69 -2.40 -4.27
C HIS A 27 0.14 -1.49 -5.38
N GLU A 28 -0.15 -2.08 -6.54
CA GLU A 28 -1.14 -1.50 -7.49
C GLU A 28 -1.93 -2.66 -8.10
N THR A 29 -3.09 -2.36 -8.67
CA THR A 29 -4.08 -3.39 -9.06
C THR A 29 -3.64 -4.16 -10.31
N ALA A 30 -2.76 -3.59 -11.10
CA ALA A 30 -2.38 -4.12 -12.43
C ALA A 30 -3.62 -4.17 -13.34
N ASN A 31 -4.68 -3.41 -13.09
CA ASN A 31 -5.96 -3.57 -13.82
C ASN A 31 -6.19 -2.22 -14.51
N SER A 32 -6.06 -2.17 -15.84
CA SER A 32 -6.25 -0.91 -16.57
C SER A 32 -7.75 -0.62 -16.81
N LYS A 33 -8.69 -1.48 -16.43
CA LYS A 33 -10.12 -1.19 -16.73
C LYS A 33 -10.95 -0.97 -15.49
N SER A 34 -10.49 -1.40 -14.31
CA SER A 34 -11.34 -1.32 -13.09
C SER A 34 -11.30 0.07 -12.50
N THR A 35 -12.40 0.48 -11.87
CA THR A 35 -12.46 1.60 -10.92
C THR A 35 -12.18 1.10 -9.50
N ILE A 36 -11.89 2.03 -8.62
CA ILE A 36 -11.73 1.72 -7.18
C ILE A 36 -13.01 1.02 -6.69
N ASP A 37 -14.20 1.52 -7.05
CA ASP A 37 -15.46 0.85 -6.64
C ASP A 37 -15.50 -0.60 -7.13
N ASN A 38 -15.12 -0.86 -8.39
CA ASN A 38 -15.07 -2.24 -8.92
C ASN A 38 -14.14 -3.05 -8.03
N GLU A 39 -12.97 -2.50 -7.69
CA GLU A 39 -11.92 -3.27 -6.94
C GLU A 39 -12.46 -3.62 -5.56
N VAL A 40 -13.12 -2.67 -4.93
CA VAL A 40 -13.69 -2.86 -3.57
C VAL A 40 -14.80 -3.93 -3.63
N SER A 41 -15.69 -3.85 -4.60
CA SER A 41 -16.78 -4.85 -4.68
C SER A 41 -16.21 -6.23 -4.94
N TYR A 42 -15.22 -6.32 -5.81
CA TYR A 42 -14.64 -7.62 -6.19
C TYR A 42 -13.95 -8.24 -4.97
N MET A 43 -13.12 -7.45 -4.28
CA MET A 43 -12.34 -7.94 -3.12
C MET A 43 -13.31 -8.34 -2.00
N THR A 44 -14.40 -7.58 -1.79
CA THR A 44 -15.43 -7.98 -0.79
C THR A 44 -15.91 -9.40 -1.11
N ARG A 45 -16.18 -9.71 -2.36
CA ARG A 45 -16.74 -11.04 -2.68
C ARG A 45 -15.66 -12.11 -2.67
N ASN A 46 -14.38 -11.77 -2.82
CA ASN A 46 -13.31 -12.76 -3.09
C ASN A 46 -12.26 -12.71 -2.01
N TRP A 47 -12.61 -12.21 -0.81
CA TRP A 47 -11.58 -11.99 0.24
C TRP A 47 -10.90 -13.29 0.64
N LYS A 48 -11.62 -14.41 0.54
CA LYS A 48 -11.03 -15.71 0.92
C LYS A 48 -9.79 -16.01 0.06
N ASN A 49 -9.70 -15.45 -1.14
CA ASN A 49 -8.57 -15.64 -2.06
C ASN A 49 -7.47 -14.62 -1.79
N ALA A 50 -7.82 -13.40 -1.41
CA ALA A 50 -6.85 -12.30 -1.23
C ALA A 50 -7.59 -11.04 -0.71
N PHE A 51 -6.96 -10.30 0.20
CA PHE A 51 -7.44 -8.94 0.54
C PHE A 51 -6.29 -8.07 1.00
N VAL A 52 -6.47 -6.76 0.90
CA VAL A 52 -5.50 -5.77 1.43
C VAL A 52 -6.23 -4.93 2.46
N THR A 53 -5.62 -3.89 3.02
CA THR A 53 -6.38 -2.98 3.93
C THR A 53 -6.99 -1.76 3.23
N HIS A 54 -6.35 -1.19 2.21
CA HIS A 54 -6.79 0.10 1.62
C HIS A 54 -6.64 0.06 0.10
N PHE A 55 -7.58 0.69 -0.59
CA PHE A 55 -7.40 1.09 -2.00
C PHE A 55 -7.23 2.61 -2.06
N VAL A 56 -6.45 3.06 -3.02
CA VAL A 56 -6.34 4.50 -3.35
C VAL A 56 -6.62 4.64 -4.83
N GLY A 57 -7.43 5.60 -5.23
CA GLY A 57 -7.77 5.78 -6.64
C GLY A 57 -8.97 6.68 -6.87
N GLY A 58 -9.45 6.73 -8.11
CA GLY A 58 -10.68 7.47 -8.43
C GLY A 58 -10.45 8.95 -8.17
N GLY A 59 -9.22 9.43 -8.22
CA GLY A 59 -8.94 10.85 -7.97
C GLY A 59 -8.61 11.11 -6.51
N GLY A 60 -7.73 10.31 -5.94
CA GLY A 60 -7.32 10.53 -4.55
C GLY A 60 -8.35 10.14 -3.52
N ARG A 61 -9.30 9.26 -3.86
CA ARG A 61 -10.16 8.62 -2.85
C ARG A 61 -9.36 7.54 -2.11
N VAL A 62 -9.77 7.29 -0.86
CA VAL A 62 -9.26 6.15 -0.07
C VAL A 62 -10.45 5.32 0.37
N VAL A 63 -10.39 4.01 0.10
CA VAL A 63 -11.42 3.08 0.61
C VAL A 63 -10.71 2.09 1.49
N GLN A 64 -11.08 2.07 2.78
CA GLN A 64 -10.54 1.04 3.67
C GLN A 64 -11.39 -0.22 3.54
N VAL A 65 -10.75 -1.38 3.34
CA VAL A 65 -11.49 -2.66 3.17
C VAL A 65 -11.13 -3.65 4.28
N ALA A 66 -10.14 -3.34 5.12
CA ALA A 66 -9.76 -4.22 6.24
C ALA A 66 -9.11 -3.37 7.31
N ASN A 67 -9.27 -3.78 8.57
CA ASN A 67 -8.60 -3.13 9.70
C ASN A 67 -7.10 -3.35 9.55
N VAL A 68 -6.37 -2.36 9.98
CA VAL A 68 -4.89 -2.44 10.11
C VAL A 68 -4.50 -3.17 11.38
N ASN A 69 -3.22 -3.54 11.43
CA ASN A 69 -2.59 -4.19 12.61
C ASN A 69 -3.11 -5.62 12.79
N TYR A 70 -3.72 -6.19 11.75
CA TYR A 70 -4.05 -7.63 11.63
C TYR A 70 -3.55 -8.13 10.27
N VAL A 71 -3.33 -9.44 10.17
CA VAL A 71 -2.96 -10.08 8.90
C VAL A 71 -3.93 -9.64 7.81
N SER A 72 -3.41 -9.23 6.68
CA SER A 72 -4.19 -9.15 5.43
C SER A 72 -3.55 -10.10 4.42
N TRP A 73 -4.35 -10.66 3.57
CA TRP A 73 -3.89 -11.68 2.58
C TRP A 73 -3.50 -10.99 1.28
N GLY A 74 -2.42 -10.22 1.32
CA GLY A 74 -2.08 -9.33 0.19
C GLY A 74 -0.78 -9.62 -0.51
N ALA A 75 0.18 -10.27 0.14
CA ALA A 75 1.54 -10.33 -0.43
C ALA A 75 2.26 -11.63 -0.06
N GLY A 76 1.53 -12.74 0.05
CA GLY A 76 2.16 -14.02 0.40
C GLY A 76 2.42 -14.14 1.89
N GLN A 77 2.69 -15.38 2.31
CA GLN A 77 2.64 -15.74 3.73
C GLN A 77 3.68 -14.97 4.54
N TYR A 78 4.82 -14.61 3.98
CA TYR A 78 5.96 -14.08 4.76
C TYR A 78 5.72 -12.59 5.02
N ALA A 79 5.30 -11.84 4.00
CA ALA A 79 4.94 -10.42 4.18
C ALA A 79 3.63 -10.31 4.98
N ASN A 80 2.68 -11.21 4.76
CA ASN A 80 1.36 -11.05 5.40
C ASN A 80 1.51 -11.13 6.91
N SER A 81 2.47 -11.90 7.41
N SER A 81 2.48 -11.89 7.43
CA SER A 81 2.65 -12.05 8.88
CA SER A 81 2.69 -12.03 8.89
C SER A 81 3.31 -10.81 9.49
C SER A 81 3.22 -10.74 9.50
N TYR A 82 3.82 -9.87 8.68
CA TYR A 82 4.58 -8.70 9.19
C TYR A 82 4.04 -7.37 8.66
N SER A 83 2.86 -7.35 8.04
CA SER A 83 2.37 -6.13 7.37
C SER A 83 1.21 -5.53 8.16
N TYR A 84 1.48 -4.40 8.81
CA TYR A 84 0.50 -3.52 9.50
C TYR A 84 -0.63 -3.10 8.57
N ALA A 85 -0.31 -2.79 7.31
CA ALA A 85 -1.30 -2.36 6.32
C ALA A 85 -0.79 -2.69 4.91
N GLN A 86 -1.72 -2.82 3.99
CA GLN A 86 -1.38 -3.11 2.58
C GLN A 86 -2.24 -2.20 1.73
N VAL A 87 -1.58 -1.31 1.00
CA VAL A 87 -2.23 -0.17 0.28
C VAL A 87 -2.09 -0.36 -1.23
N GLU A 88 -3.23 -0.37 -1.91
CA GLU A 88 -3.29 -0.72 -3.35
C GLU A 88 -3.77 0.44 -4.20
N LEU A 89 -2.89 0.93 -5.06
CA LEU A 89 -3.14 2.00 -6.06
C LEU A 89 -3.94 1.45 -7.25
N CYS A 90 -5.08 2.08 -7.55
CA CYS A 90 -5.89 1.81 -8.75
C CYS A 90 -5.33 2.66 -9.89
N ARG A 91 -5.52 2.18 -11.11
CA ARG A 91 -4.93 2.81 -12.30
C ARG A 91 -5.86 3.90 -12.84
N THR A 92 -5.27 4.82 -13.59
CA THR A 92 -6.01 5.83 -14.35
C THR A 92 -5.18 6.14 -15.61
N SER A 93 -5.83 6.61 -16.66
CA SER A 93 -5.15 7.12 -17.88
C SER A 93 -5.12 8.65 -17.88
N ASN A 94 -5.66 9.27 -16.83
CA ASN A 94 -5.86 10.74 -16.75
C ASN A 94 -4.83 11.35 -15.82
N ALA A 95 -4.01 12.27 -16.32
CA ALA A 95 -2.89 12.88 -15.58
C ALA A 95 -3.40 13.64 -14.36
N THR A 96 -4.55 14.33 -14.47
CA THR A 96 -5.13 15.08 -13.33
C THR A 96 -5.54 14.08 -12.24
N THR A 97 -6.22 13.01 -12.63
CA THR A 97 -6.59 11.94 -11.68
C THR A 97 -5.30 11.40 -11.06
N PHE A 98 -4.31 11.06 -11.87
CA PHE A 98 -3.10 10.38 -11.34
C PHE A 98 -2.43 11.25 -10.27
N LYS A 99 -2.31 12.56 -10.52
CA LYS A 99 -1.58 13.41 -9.55
C LYS A 99 -2.30 13.30 -8.21
N LYS A 100 -3.64 13.32 -8.21
CA LYS A 100 -4.41 13.21 -6.95
C LYS A 100 -4.20 11.83 -6.35
N ASP A 101 -4.37 10.81 -7.17
CA ASP A 101 -4.17 9.41 -6.70
C ASP A 101 -2.80 9.26 -6.03
N TYR A 102 -1.75 9.68 -6.72
CA TYR A 102 -0.36 9.47 -6.26
C TYR A 102 -0.04 10.27 -4.98
N GLU A 103 -0.48 11.52 -4.91
N GLU A 103 -0.47 11.53 -4.89
CA GLU A 103 -0.17 12.34 -3.71
CA GLU A 103 -0.12 12.34 -3.70
C GLU A 103 -0.82 11.67 -2.50
C GLU A 103 -0.82 11.69 -2.49
N VAL A 104 -2.04 11.19 -2.68
CA VAL A 104 -2.82 10.58 -1.58
C VAL A 104 -2.19 9.21 -1.24
N TYR A 105 -1.81 8.43 -2.25
CA TYR A 105 -1.08 7.16 -2.05
C TYR A 105 0.15 7.37 -1.15
N CYS A 106 0.99 8.36 -1.48
CA CYS A 106 2.24 8.67 -0.73
C CYS A 106 1.86 9.08 0.70
N GLN A 107 0.85 9.93 0.84
CA GLN A 107 0.51 10.49 2.18
C GLN A 107 0.02 9.32 3.04
N LEU A 108 -0.86 8.48 2.48
CA LEU A 108 -1.46 7.37 3.26
C LEU A 108 -0.38 6.34 3.65
N LEU A 109 0.54 6.00 2.76
CA LEU A 109 1.60 5.01 3.10
C LEU A 109 2.42 5.55 4.29
N VAL A 110 2.74 6.84 4.29
CA VAL A 110 3.54 7.50 5.36
C VAL A 110 2.70 7.59 6.62
N ASP A 111 1.41 7.92 6.50
CA ASP A 111 0.50 8.07 7.64
C ASP A 111 0.46 6.74 8.35
N LEU A 112 0.24 5.65 7.60
CA LEU A 112 0.12 4.31 8.22
C LEU A 112 1.46 3.88 8.85
N ALA A 113 2.56 4.06 8.14
CA ALA A 113 3.88 3.71 8.69
C ALA A 113 4.11 4.49 10.02
N LYS A 114 3.84 5.79 10.02
CA LYS A 114 4.07 6.61 11.23
C LYS A 114 3.18 6.08 12.38
N LYS A 115 1.92 5.77 12.11
CA LYS A 115 1.00 5.27 13.14
C LYS A 115 1.53 3.96 13.70
N ALA A 116 2.11 3.09 12.87
CA ALA A 116 2.63 1.75 13.30
C ALA A 116 4.00 1.83 13.96
N GLY A 117 4.66 2.99 13.93
CA GLY A 117 6.02 3.16 14.47
C GLY A 117 7.06 2.59 13.54
N ILE A 118 6.79 2.59 12.23
CA ILE A 118 7.63 2.03 11.14
C ILE A 118 8.39 3.18 10.49
N PRO A 119 9.68 3.01 10.16
CA PRO A 119 10.45 4.06 9.50
C PRO A 119 9.93 4.31 8.08
N ILE A 120 10.05 5.56 7.67
CA ILE A 120 9.74 6.00 6.28
C ILE A 120 11.01 5.77 5.47
N THR A 121 11.26 4.53 5.08
CA THR A 121 12.23 4.10 4.06
C THR A 121 11.46 3.22 3.06
N LEU A 122 11.97 3.10 1.86
CA LEU A 122 11.35 2.25 0.81
C LEU A 122 12.28 1.11 0.49
N ASP A 123 11.81 -0.12 0.68
CA ASP A 123 12.54 -1.32 0.18
C ASP A 123 13.91 -1.37 0.83
N SER A 124 14.01 -1.02 2.12
CA SER A 124 15.29 -1.09 2.86
C SER A 124 15.55 -2.55 3.26
N GLY A 125 16.81 -2.94 3.29
CA GLY A 125 17.22 -4.27 3.77
C GLY A 125 16.66 -5.43 3.01
N SER A 126 16.46 -6.52 3.72
CA SER A 126 16.21 -7.85 3.09
C SER A 126 15.45 -8.81 4.00
N LYS A 127 15.11 -8.44 5.21
CA LYS A 127 14.52 -9.40 6.18
C LYS A 127 13.29 -8.80 6.83
N THR A 128 12.54 -9.66 7.53
CA THR A 128 11.33 -9.24 8.28
C THR A 128 11.68 -8.27 9.39
N SER A 129 12.92 -8.23 9.87
CA SER A 129 13.41 -7.30 10.92
C SER A 129 13.75 -5.91 10.36
N ASP A 130 13.78 -5.77 9.04
CA ASP A 130 14.06 -4.48 8.38
C ASP A 130 12.71 -3.80 8.15
N LYS A 131 12.25 -3.03 9.13
N LYS A 131 12.27 -3.01 9.12
CA LYS A 131 10.92 -2.37 9.07
CA LYS A 131 10.95 -2.32 9.12
C LYS A 131 10.92 -1.26 8.02
C LYS A 131 10.94 -1.24 8.02
N GLY A 132 9.74 -0.92 7.49
CA GLY A 132 9.61 0.15 6.51
C GLY A 132 8.48 -0.11 5.54
N ILE A 133 8.34 0.81 4.61
CA ILE A 133 7.45 0.70 3.44
C ILE A 133 8.14 -0.23 2.45
N LYS A 134 7.41 -1.24 2.00
CA LYS A 134 7.93 -2.24 1.05
C LYS A 134 6.99 -2.37 -0.14
N SER A 135 7.54 -2.25 -1.33
CA SER A 135 6.85 -2.68 -2.56
C SER A 135 6.55 -4.17 -2.49
N HIS A 136 5.51 -4.58 -3.19
CA HIS A 136 5.27 -6.02 -3.47
C HIS A 136 6.56 -6.59 -4.06
N LYS A 137 7.19 -5.86 -4.99
CA LYS A 137 8.45 -6.32 -5.62
C LYS A 137 9.46 -6.73 -4.55
N TRP A 138 9.71 -5.88 -3.58
CA TRP A 138 10.72 -6.21 -2.53
C TRP A 138 10.35 -7.50 -1.81
N VAL A 139 9.07 -7.68 -1.50
CA VAL A 139 8.62 -8.95 -0.85
C VAL A 139 8.98 -10.10 -1.78
N ALA A 140 8.66 -10.00 -3.06
CA ALA A 140 8.94 -11.10 -3.99
C ALA A 140 10.46 -11.37 -4.05
N ASP A 141 11.25 -10.33 -4.12
CA ASP A 141 12.73 -10.43 -4.28
C ASP A 141 13.38 -11.01 -3.01
N LYS A 142 12.94 -10.59 -1.83
CA LYS A 142 13.67 -10.86 -0.55
C LYS A 142 13.07 -11.99 0.29
N LEU A 143 11.75 -12.13 0.38
CA LEU A 143 11.04 -13.10 1.24
C LEU A 143 10.47 -14.26 0.44
N GLY A 144 10.20 -14.04 -0.83
CA GLY A 144 9.41 -14.98 -1.62
C GLY A 144 7.99 -15.19 -1.08
N GLY A 145 7.35 -16.29 -1.45
CA GLY A 145 5.92 -16.50 -1.17
C GLY A 145 5.04 -15.75 -2.15
N THR A 146 5.65 -15.07 -3.13
CA THR A 146 4.96 -14.29 -4.17
C THR A 146 6.02 -13.90 -5.18
N THR A 147 5.60 -13.65 -6.41
CA THR A 147 6.49 -13.18 -7.48
C THR A 147 6.11 -11.79 -8.01
N HIS A 148 5.06 -11.14 -7.52
CA HIS A 148 4.60 -9.86 -8.10
C HIS A 148 5.60 -8.71 -7.91
N GLN A 149 5.57 -7.77 -8.85
CA GLN A 149 6.62 -6.77 -9.02
C GLN A 149 6.06 -5.36 -8.86
N ASP A 150 4.80 -5.22 -8.44
CA ASP A 150 4.16 -3.88 -8.28
C ASP A 150 4.85 -3.10 -7.18
N PRO A 151 4.77 -1.75 -7.18
CA PRO A 151 3.99 -0.99 -8.17
C PRO A 151 4.82 -0.32 -9.27
N TYR A 152 6.07 -0.78 -9.47
CA TYR A 152 7.06 0.02 -10.23
C TYR A 152 6.72 0.15 -11.73
N ALA A 153 6.24 -0.88 -12.39
CA ALA A 153 5.87 -0.79 -13.84
C ALA A 153 4.85 0.35 -14.02
N TYR A 154 3.82 0.38 -13.21
CA TYR A 154 2.74 1.41 -13.31
C TYR A 154 3.29 2.80 -13.01
N LEU A 155 4.04 2.94 -11.92
CA LEU A 155 4.65 4.25 -11.59
C LEU A 155 5.56 4.68 -12.72
N SER A 156 6.36 3.75 -13.26
N SER A 156 6.35 3.75 -13.26
CA SER A 156 7.29 4.08 -14.36
CA SER A 156 7.29 4.04 -14.37
C SER A 156 6.53 4.64 -15.57
C SER A 156 6.55 4.59 -15.59
N SER A 157 5.33 4.12 -15.87
CA SER A 157 4.54 4.58 -17.04
C SER A 157 4.15 6.04 -16.84
N TRP A 158 4.11 6.50 -15.58
CA TRP A 158 3.78 7.91 -15.26
C TRP A 158 5.04 8.71 -15.00
N GLY A 159 6.22 8.18 -15.33
CA GLY A 159 7.49 8.89 -15.21
C GLY A 159 8.01 8.94 -13.80
N ILE A 160 7.61 8.00 -12.93
CA ILE A 160 8.09 7.94 -11.51
C ILE A 160 8.91 6.68 -11.32
N SER A 161 10.23 6.83 -11.18
CA SER A 161 11.19 5.75 -10.84
C SER A 161 11.04 5.32 -9.39
N LYS A 162 11.66 4.20 -9.04
CA LYS A 162 11.75 3.75 -7.64
C LYS A 162 12.43 4.85 -6.83
N ALA A 163 13.50 5.44 -7.35
CA ALA A 163 14.24 6.52 -6.64
C ALA A 163 13.29 7.71 -6.37
N GLN A 164 12.49 8.07 -7.35
CA GLN A 164 11.55 9.20 -7.24
C GLN A 164 10.48 8.87 -6.22
N PHE A 165 9.99 7.63 -6.20
CA PHE A 165 8.96 7.22 -5.22
C PHE A 165 9.55 7.33 -3.81
N ALA A 166 10.77 6.83 -3.62
CA ALA A 166 11.45 6.91 -2.30
C ALA A 166 11.54 8.38 -1.88
N SER A 167 11.94 9.24 -2.78
CA SER A 167 12.15 10.67 -2.48
C SER A 167 10.79 11.34 -2.16
N ASP A 168 9.72 10.98 -2.88
CA ASP A 168 8.34 11.50 -2.66
C ASP A 168 7.82 11.08 -1.28
N LEU A 169 8.02 9.83 -0.88
CA LEU A 169 7.66 9.36 0.45
C LEU A 169 8.45 10.17 1.51
N ALA A 170 9.74 10.41 1.29
CA ALA A 170 10.57 11.17 2.28
C ALA A 170 10.06 12.61 2.37
N LYS A 171 9.59 13.20 1.28
CA LYS A 171 9.05 14.59 1.24
C LYS A 171 7.76 14.67 2.06
N VAL A 172 6.98 13.60 2.15
CA VAL A 172 5.77 13.61 3.04
C VAL A 172 6.24 13.66 4.49
N SER A 173 7.12 12.77 4.90
CA SER A 173 7.66 12.73 6.28
C SER A 173 8.53 13.98 6.59
N GLY A 174 9.11 14.59 5.57
CA GLY A 174 10.04 15.72 5.71
C GLY A 174 9.32 17.04 5.85
N HIS A 175 8.00 17.07 5.72
CA HIS A 175 7.23 18.32 5.86
C HIS A 175 7.53 18.92 7.26
N HIS A 176 7.70 20.25 7.33
CA HIS A 176 7.87 20.98 8.61
C HIS A 176 6.62 20.65 9.47
N HIS A 177 6.86 20.25 10.70
CA HIS A 177 5.79 19.90 11.66
C HIS A 177 4.97 18.67 11.23
N HIS A 178 5.55 17.79 10.42
CA HIS A 178 4.97 16.43 10.19
C HIS A 178 4.94 15.67 11.53
N HIS A 179 5.94 15.88 12.37
CA HIS A 179 6.07 15.15 13.65
C HIS A 179 6.79 16.04 14.67
N HIS A 180 6.91 15.56 15.91
CA HIS A 180 7.48 16.38 17.01
C HIS A 180 8.95 16.76 16.66
#